data_8R8P
#
_entry.id   8R8P
#
loop_
_entity.id
_entity.type
_entity.pdbx_description
1 polymer "RNA (5'-R(*AP*UP*AP*CP*(PSU)P*(PSU)P*AP*CP*CP*UP*G)-3')"
2 polymer "RNA (5'-R(P*GP*GP*AP*GP*UP*AP*AP*GP*UP*CP*U)-3')"
3 non-polymer 2-(8-fluoranyl-2-methyl-imidazo[1,2-a]pyridin-6-yl)-6-(4-methylpiperazin-1-yl)quinazoline
#
loop_
_entity_poly.entity_id
_entity_poly.type
_entity_poly.pdbx_seq_one_letter_code
_entity_poly.pdbx_strand_id
1 'polyribonucleotide' AUAC(PSU)(PSU)ACCUG A
2 'polyribonucleotide' GGAGUAAGUCU B
#